data_7VCP
#
_entry.id   7VCP
#
_cell.length_a   66.255
_cell.length_b   66.255
_cell.length_c   463.867
_cell.angle_alpha   90.00
_cell.angle_beta   90.00
_cell.angle_gamma   120.00
#
_symmetry.space_group_name_H-M   'P 61 2 2'
#
loop_
_entity.id
_entity.type
_entity.pdbx_description
1 polymer 'Sucrose-6-phosphate hydrolase'
2 non-polymer beta-D-fructofuranose
3 non-polymer DI(HYDROXYETHYL)ETHER
4 non-polymer 'PENTAETHYLENE GLYCOL'
5 water water
#
_entity_poly.entity_id   1
_entity_poly.type   'polypeptide(L)'
_entity_poly.pdbx_seq_one_letter_code
;GSMKNLIAEANQAVEQFAGQVKARYYPAYHIAAKSGWINDPNGLIYFNNQYHVFFQHHPYNEQWGKIHWGHVVSDDLVHW
RNLPIALAPSQEYDKDGCFSGCAIDDNGVLTLIYTGHVVLKEAGDKSVFKQVQCLATSKDGIHFEKQGVIVTPPEGIMHF
RDPKVWRQDDQWYMVVGVNDHDNTGQVWLYHSQDLYHWQFVQVLAKMADPNVYMLECPDFFPLGDKYVLTCSPQGMKANG
YHYRNRYQSGYIVGDWQPGSAFTITQDFTELDFGHDYYAPQTLISHDQRRIVIAWMDMWDSVMPSQADKWAGVLTLPRTL
MLSSNNKLLINPITELKSLRGIQKKITSINLSNAIQDLQLDSMQCELILKIDLTNSDAERAGIALSASPDGKQSTLLYVD
NQAQRVILDRTYSGEGMVGYRSVALPADKFLTLHIFIDHSSVEVFVNEGQATLTSRIYPTSEKRTLFLFAENGALRVEQL
DYWQIKNMRG
;
_entity_poly.pdbx_strand_id   A
#
loop_
_chem_comp.id
_chem_comp.type
_chem_comp.name
_chem_comp.formula
1PE non-polymer 'PENTAETHYLENE GLYCOL' 'C10 H22 O6'
FRU D-saccharide, beta linking beta-D-fructofuranose 'C6 H12 O6'
PEG non-polymer DI(HYDROXYETHYL)ETHER 'C4 H10 O3'
#
# COMPACT_ATOMS: atom_id res chain seq x y z
N GLY A 1 5.37 19.65 -26.00
CA GLY A 1 5.78 20.75 -25.06
C GLY A 1 4.74 20.99 -23.98
N SER A 2 3.50 21.28 -24.37
CA SER A 2 2.35 21.49 -23.44
C SER A 2 2.07 20.17 -22.69
N MET A 3 1.43 20.26 -21.52
CA MET A 3 1.16 19.05 -20.72
C MET A 3 0.14 18.18 -21.46
N LYS A 4 -0.80 18.80 -22.16
CA LYS A 4 -1.83 18.07 -22.95
C LYS A 4 -1.10 17.17 -23.95
N ASN A 5 -0.08 17.68 -24.62
CA ASN A 5 0.70 16.90 -25.61
C ASN A 5 1.52 15.82 -24.90
N LEU A 6 2.16 16.15 -23.78
CA LEU A 6 3.00 15.19 -23.03
C LEU A 6 2.11 14.07 -22.47
N ILE A 7 0.88 14.39 -22.05
CA ILE A 7 -0.07 13.35 -21.54
C ILE A 7 -0.47 12.43 -22.71
N ALA A 8 -0.80 12.99 -23.88
CA ALA A 8 -1.15 12.22 -25.10
C ALA A 8 -0.02 11.24 -25.43
N GLU A 9 1.24 11.71 -25.40
CA GLU A 9 2.44 10.90 -25.71
C GLU A 9 2.57 9.75 -24.71
N ALA A 10 2.39 10.04 -23.42
CA ALA A 10 2.45 9.07 -22.31
C ALA A 10 1.36 8.01 -22.50
N ASN A 11 0.10 8.42 -22.74
CA ASN A 11 -1.05 7.49 -22.91
C ASN A 11 -0.80 6.55 -24.09
N GLN A 12 -0.21 7.06 -25.17
CA GLN A 12 0.07 6.26 -26.39
C GLN A 12 1.14 5.21 -26.07
N ALA A 13 2.18 5.56 -25.30
CA ALA A 13 3.23 4.59 -24.89
C ALA A 13 2.58 3.48 -24.03
N VAL A 14 1.73 3.84 -23.08
CA VAL A 14 1.06 2.86 -22.18
C VAL A 14 0.21 1.90 -23.04
N GLU A 15 -0.58 2.45 -23.96
CA GLU A 15 -1.47 1.67 -24.87
C GLU A 15 -0.61 0.76 -25.75
N GLN A 16 0.55 1.25 -26.21
CA GLN A 16 1.48 0.55 -27.14
C GLN A 16 2.04 -0.72 -26.49
N PHE A 17 2.43 -0.68 -25.21
CA PHE A 17 3.03 -1.82 -24.47
C PHE A 17 1.98 -2.67 -23.73
N ALA A 18 0.73 -2.20 -23.59
CA ALA A 18 -0.40 -2.94 -22.99
C ALA A 18 -0.56 -4.32 -23.64
N GLY A 19 -0.36 -4.43 -24.96
CA GLY A 19 -0.44 -5.69 -25.70
C GLY A 19 0.62 -6.70 -25.29
N GLN A 20 1.73 -6.27 -24.68
CA GLN A 20 2.85 -7.17 -24.31
C GLN A 20 2.66 -7.72 -22.88
N VAL A 21 1.69 -7.20 -22.12
CA VAL A 21 1.51 -7.56 -20.68
C VAL A 21 0.94 -8.97 -20.57
N LYS A 22 1.66 -9.89 -19.92
CA LYS A 22 1.20 -11.28 -19.67
C LYS A 22 0.31 -11.30 -18.43
N ALA A 23 -0.68 -12.20 -18.40
CA ALA A 23 -1.66 -12.35 -17.31
C ALA A 23 -1.04 -13.06 -16.08
N ARG A 24 0.02 -13.83 -16.26
CA ARG A 24 0.62 -14.69 -15.19
C ARG A 24 0.78 -13.91 -13.87
N TYR A 25 1.20 -12.65 -13.90
CA TYR A 25 1.45 -11.86 -12.67
C TYR A 25 0.52 -10.64 -12.57
N TYR A 26 -0.17 -10.29 -13.66
CA TYR A 26 -1.02 -9.09 -13.71
C TYR A 26 -2.24 -9.28 -12.81
N PRO A 27 -2.50 -8.34 -11.87
CA PRO A 27 -3.57 -8.55 -10.91
C PRO A 27 -4.99 -8.45 -11.50
N ALA A 28 -5.85 -9.40 -11.13
CA ALA A 28 -7.27 -9.44 -11.55
C ALA A 28 -8.14 -8.45 -10.77
N TYR A 29 -7.78 -8.09 -9.52
CA TYR A 29 -8.65 -7.28 -8.63
C TYR A 29 -7.83 -6.33 -7.75
N HIS A 30 -6.63 -5.97 -8.20
CA HIS A 30 -5.79 -4.90 -7.62
C HIS A 30 -5.47 -3.89 -8.72
N ILE A 31 -5.19 -2.67 -8.33
CA ILE A 31 -4.85 -1.54 -9.24
C ILE A 31 -3.43 -1.74 -9.77
N ALA A 32 -3.31 -1.72 -11.10
CA ALA A 32 -2.04 -1.57 -11.83
C ALA A 32 -2.30 -0.66 -13.03
N ALA A 33 -1.25 -0.03 -13.55
CA ALA A 33 -1.30 0.64 -14.87
C ALA A 33 -1.61 -0.43 -15.92
N LYS A 34 -2.14 -0.04 -17.09
CA LYS A 34 -2.32 -0.96 -18.25
C LYS A 34 -0.98 -1.55 -18.69
N SER A 35 0.10 -0.77 -18.58
CA SER A 35 1.50 -1.21 -18.81
C SER A 35 2.43 -0.21 -18.11
N GLY A 36 3.74 -0.48 -18.08
CA GLY A 36 4.71 0.42 -17.44
C GLY A 36 4.70 0.29 -15.91
N TRP A 37 5.36 1.24 -15.23
CA TRP A 37 5.70 1.18 -13.80
C TRP A 37 4.75 2.04 -12.98
N ILE A 38 4.33 1.56 -11.82
CA ILE A 38 3.68 2.43 -10.81
C ILE A 38 4.38 2.21 -9.46
N ASN A 39 4.33 3.24 -8.61
CA ASN A 39 4.63 3.11 -7.17
C ASN A 39 3.47 3.73 -6.38
N ASP A 40 3.77 4.67 -5.48
CA ASP A 40 2.92 5.12 -4.37
C ASP A 40 1.53 5.53 -4.85
N PRO A 41 0.46 5.19 -4.09
CA PRO A 41 -0.84 5.80 -4.32
C PRO A 41 -0.85 7.29 -3.96
N ASN A 42 -1.62 8.07 -4.72
CA ASN A 42 -1.67 9.55 -4.64
C ASN A 42 -3.13 9.99 -4.80
N GLY A 43 -3.42 11.18 -4.28
CA GLY A 43 -4.68 11.92 -4.49
C GLY A 43 -5.90 11.08 -4.19
N LEU A 44 -5.87 10.23 -3.15
CA LEU A 44 -7.03 9.41 -2.73
C LEU A 44 -8.15 10.37 -2.34
N ILE A 45 -9.35 10.20 -2.89
CA ILE A 45 -10.50 11.10 -2.54
C ILE A 45 -11.81 10.47 -3.01
N TYR A 46 -12.85 10.71 -2.23
CA TYR A 46 -14.26 10.53 -2.63
C TYR A 46 -14.77 11.89 -3.11
N PHE A 47 -14.99 12.01 -4.42
CA PHE A 47 -15.27 13.30 -5.12
C PHE A 47 -16.35 13.07 -6.19
N ASN A 48 -17.46 13.80 -6.08
CA ASN A 48 -18.53 13.81 -7.11
C ASN A 48 -18.97 12.35 -7.30
N ASN A 49 -19.26 11.67 -6.19
CA ASN A 49 -19.91 10.33 -6.10
C ASN A 49 -18.98 9.23 -6.62
N GLN A 50 -17.68 9.49 -6.72
CA GLN A 50 -16.73 8.47 -7.21
C GLN A 50 -15.46 8.45 -6.34
N TYR A 51 -14.80 7.30 -6.32
CA TYR A 51 -13.49 7.10 -5.65
C TYR A 51 -12.40 7.28 -6.70
N HIS A 52 -11.53 8.27 -6.49
CA HIS A 52 -10.31 8.47 -7.32
C HIS A 52 -9.10 7.92 -6.56
N VAL A 53 -8.28 7.19 -7.29
CA VAL A 53 -6.92 6.80 -6.86
C VAL A 53 -5.99 7.19 -8.00
N PHE A 54 -5.01 8.02 -7.68
CA PHE A 54 -3.90 8.30 -8.60
C PHE A 54 -2.67 7.53 -8.10
N PHE A 55 -1.62 7.48 -8.89
CA PHE A 55 -0.37 6.83 -8.46
C PHE A 55 0.80 7.35 -9.27
N GLN A 56 1.95 7.34 -8.63
CA GLN A 56 3.29 7.51 -9.24
C GLN A 56 3.38 6.51 -10.38
N HIS A 57 3.73 6.99 -11.58
CA HIS A 57 3.57 6.22 -12.84
C HIS A 57 4.67 6.62 -13.81
N HIS A 58 5.45 5.64 -14.28
CA HIS A 58 6.37 5.84 -15.43
C HIS A 58 5.75 5.15 -16.63
N PRO A 59 5.19 5.94 -17.57
CA PRO A 59 4.50 5.38 -18.73
C PRO A 59 5.38 4.76 -19.81
N TYR A 60 6.67 5.11 -19.87
CA TYR A 60 7.52 4.84 -21.06
C TYR A 60 8.16 3.46 -20.95
N ASN A 61 8.30 2.90 -19.75
CA ASN A 61 8.76 1.49 -19.58
C ASN A 61 8.39 1.01 -18.18
N GLU A 62 8.84 -0.20 -17.84
CA GLU A 62 8.44 -0.97 -16.64
C GLU A 62 9.40 -0.66 -15.48
N GLN A 63 10.21 0.39 -15.60
CA GLN A 63 11.15 0.84 -14.54
C GLN A 63 10.75 2.24 -14.08
N TRP A 64 11.14 2.62 -12.87
CA TRP A 64 10.94 3.99 -12.36
C TRP A 64 11.58 4.97 -13.36
N GLY A 65 10.96 6.14 -13.56
CA GLY A 65 11.46 7.21 -14.44
C GLY A 65 10.54 8.41 -14.39
N LYS A 66 10.89 9.48 -15.10
CA LYS A 66 10.08 10.73 -15.21
C LYS A 66 8.64 10.45 -14.76
N ILE A 67 8.32 10.76 -13.51
CA ILE A 67 7.07 10.30 -12.86
C ILE A 67 5.90 11.16 -13.31
N HIS A 68 4.84 10.49 -13.78
CA HIS A 68 3.49 11.01 -14.06
C HIS A 68 2.54 10.61 -12.93
N TRP A 69 1.35 11.21 -12.88
CA TRP A 69 0.19 10.68 -12.11
C TRP A 69 -0.71 9.88 -13.04
N GLY A 70 -0.75 8.55 -12.85
CA GLY A 70 -1.80 7.71 -13.44
C GLY A 70 -3.05 7.84 -12.59
N HIS A 71 -4.15 7.25 -13.03
CA HIS A 71 -5.47 7.56 -12.48
C HIS A 71 -6.36 6.37 -12.74
N VAL A 72 -7.05 5.89 -11.71
CA VAL A 72 -8.21 4.96 -11.84
C VAL A 72 -9.38 5.56 -11.06
N VAL A 73 -10.58 5.08 -11.35
CA VAL A 73 -11.82 5.54 -10.67
C VAL A 73 -12.69 4.32 -10.43
N SER A 74 -13.48 4.39 -9.36
CA SER A 74 -14.50 3.36 -9.04
C SER A 74 -15.70 4.03 -8.38
N ASP A 75 -16.84 3.37 -8.45
CA ASP A 75 -18.06 3.77 -7.71
C ASP A 75 -18.03 3.17 -6.30
N ASP A 76 -17.21 2.15 -6.04
CA ASP A 76 -17.43 1.23 -4.88
C ASP A 76 -16.12 0.73 -4.27
N LEU A 77 -15.00 1.40 -4.57
CA LEU A 77 -13.65 1.09 -4.03
C LEU A 77 -13.18 -0.29 -4.52
N VAL A 78 -13.83 -0.86 -5.55
CA VAL A 78 -13.58 -2.26 -5.98
C VAL A 78 -13.45 -2.38 -7.50
N HIS A 79 -14.43 -1.88 -8.25
CA HIS A 79 -14.48 -2.01 -9.73
C HIS A 79 -13.72 -0.83 -10.33
N TRP A 80 -12.39 -0.89 -10.25
CA TRP A 80 -11.45 0.18 -10.68
C TRP A 80 -11.31 0.12 -12.21
N ARG A 81 -11.48 1.27 -12.86
CA ARG A 81 -11.34 1.47 -14.32
C ARG A 81 -10.15 2.40 -14.59
N ASN A 82 -9.31 2.03 -15.55
CA ASN A 82 -8.13 2.82 -15.99
C ASN A 82 -8.63 4.08 -16.70
N LEU A 83 -8.05 5.23 -16.35
CA LEU A 83 -8.31 6.54 -16.96
C LEU A 83 -7.02 7.01 -17.63
N PRO A 84 -7.10 8.07 -18.45
CA PRO A 84 -5.90 8.72 -18.96
C PRO A 84 -5.07 9.26 -17.80
N ILE A 85 -3.77 9.35 -18.03
CA ILE A 85 -2.80 10.01 -17.13
C ILE A 85 -3.31 11.42 -16.80
N ALA A 86 -3.11 11.86 -15.55
CA ALA A 86 -3.65 13.11 -14.98
C ALA A 86 -2.60 14.23 -15.03
N LEU A 87 -1.35 13.92 -14.67
CA LEU A 87 -0.23 14.89 -14.63
C LEU A 87 0.97 14.26 -15.33
N ALA A 88 1.61 15.04 -16.19
CA ALA A 88 2.94 14.78 -16.75
C ALA A 88 3.88 15.89 -16.30
N PRO A 89 5.17 15.56 -16.07
CA PRO A 89 6.20 16.57 -15.84
C PRO A 89 6.21 17.53 -17.03
N SER A 90 6.22 18.85 -16.81
CA SER A 90 6.16 19.85 -17.91
C SER A 90 6.84 21.17 -17.56
N GLN A 91 6.83 21.59 -16.29
CA GLN A 91 7.29 22.93 -15.87
C GLN A 91 8.70 22.81 -15.30
N GLU A 92 9.39 23.93 -15.07
CA GLU A 92 10.73 23.92 -14.43
C GLU A 92 10.62 23.27 -13.04
N TYR A 93 9.51 23.50 -12.33
CA TYR A 93 9.35 23.07 -10.92
C TYR A 93 9.03 21.57 -10.80
N ASP A 94 8.65 20.86 -11.88
CA ASP A 94 8.30 19.41 -11.81
C ASP A 94 8.85 18.64 -13.01
N LYS A 95 9.92 19.16 -13.62
CA LYS A 95 10.51 18.66 -14.89
C LYS A 95 10.88 17.18 -14.77
N ASP A 96 11.40 16.77 -13.62
CA ASP A 96 11.89 15.37 -13.43
C ASP A 96 10.91 14.56 -12.57
N GLY A 97 9.72 15.06 -12.32
CA GLY A 97 8.61 14.21 -11.84
C GLY A 97 7.53 15.02 -11.14
N CYS A 98 6.29 14.55 -11.30
CA CYS A 98 5.15 14.91 -10.45
C CYS A 98 5.13 13.86 -9.33
N PHE A 99 5.90 14.10 -8.27
CA PHE A 99 6.07 13.18 -7.13
C PHE A 99 4.77 13.19 -6.33
N SER A 100 4.76 12.57 -5.15
CA SER A 100 3.53 12.17 -4.44
C SER A 100 2.76 13.37 -3.94
N GLY A 101 1.51 13.12 -3.60
CA GLY A 101 0.61 14.16 -3.10
C GLY A 101 -0.79 13.65 -2.86
N CYS A 102 -1.71 14.59 -2.78
CA CYS A 102 -3.08 14.37 -2.29
C CYS A 102 -4.06 15.13 -3.20
N ALA A 103 -5.34 14.95 -2.90
CA ALA A 103 -6.47 15.64 -3.55
C ALA A 103 -7.38 16.17 -2.44
N ILE A 104 -8.00 17.30 -2.73
CA ILE A 104 -9.03 17.92 -1.84
C ILE A 104 -10.13 18.48 -2.74
N ASP A 105 -11.25 18.79 -2.11
CA ASP A 105 -12.39 19.42 -2.80
C ASP A 105 -12.34 20.89 -2.42
N ASP A 106 -11.85 21.74 -3.33
CA ASP A 106 -11.78 23.21 -3.12
C ASP A 106 -13.08 23.82 -3.67
N ASN A 107 -14.16 23.75 -2.90
CA ASN A 107 -15.45 24.40 -3.26
C ASN A 107 -15.87 23.92 -4.66
N GLY A 108 -15.96 22.60 -4.85
CA GLY A 108 -16.42 21.94 -6.10
C GLY A 108 -15.30 21.72 -7.10
N VAL A 109 -14.09 22.25 -6.88
CA VAL A 109 -12.95 22.07 -7.83
C VAL A 109 -12.01 21.00 -7.26
N LEU A 110 -11.88 19.87 -7.96
CA LEU A 110 -10.91 18.80 -7.62
C LEU A 110 -9.50 19.38 -7.76
N THR A 111 -8.79 19.46 -6.63
CA THR A 111 -7.45 20.07 -6.55
C THR A 111 -6.41 19.02 -6.12
N LEU A 112 -5.36 18.85 -6.92
CA LEU A 112 -4.20 17.99 -6.60
C LEU A 112 -3.10 18.90 -6.05
N ILE A 113 -2.53 18.51 -4.92
CA ILE A 113 -1.33 19.19 -4.34
C ILE A 113 -0.25 18.12 -4.25
N TYR A 114 0.85 18.34 -4.97
CA TYR A 114 1.89 17.33 -5.28
C TYR A 114 3.25 17.98 -5.20
N THR A 115 4.27 17.15 -4.96
CA THR A 115 5.68 17.57 -4.98
C THR A 115 6.15 17.62 -6.44
N GLY A 116 6.64 18.78 -6.88
CA GLY A 116 7.41 18.90 -8.14
C GLY A 116 8.86 18.61 -7.88
N HIS A 117 9.45 17.70 -8.64
CA HIS A 117 10.84 17.24 -8.49
C HIS A 117 11.65 17.75 -9.68
N VAL A 118 12.81 18.37 -9.43
CA VAL A 118 13.77 18.67 -10.53
C VAL A 118 15.18 18.39 -10.02
N VAL A 119 15.95 17.65 -10.82
CA VAL A 119 17.38 17.33 -10.56
C VAL A 119 18.22 18.56 -10.93
N LEU A 120 18.97 19.10 -9.98
CA LEU A 120 19.85 20.28 -10.18
C LEU A 120 21.26 19.81 -10.52
N LYS A 121 21.61 18.59 -10.12
CA LYS A 121 22.97 18.02 -10.30
C LYS A 121 22.89 16.50 -10.18
N GLU A 122 23.21 15.79 -11.26
CA GLU A 122 23.28 14.30 -11.31
C GLU A 122 24.56 13.83 -10.60
N ALA A 123 24.43 13.15 -9.46
CA ALA A 123 25.54 12.49 -8.73
C ALA A 123 25.01 11.26 -7.99
N GLY A 124 24.28 10.38 -8.70
CA GLY A 124 23.68 9.16 -8.16
C GLY A 124 22.89 9.43 -6.88
N ASP A 125 23.28 8.78 -5.79
CA ASP A 125 22.71 9.00 -4.44
C ASP A 125 23.20 10.34 -3.87
N LYS A 126 24.26 10.93 -4.44
CA LYS A 126 24.78 12.28 -4.05
C LYS A 126 24.12 13.39 -4.88
N SER A 127 23.14 13.07 -5.73
CA SER A 127 22.40 14.02 -6.59
C SER A 127 21.84 15.18 -5.75
N VAL A 128 21.90 16.41 -6.27
CA VAL A 128 21.15 17.58 -5.68
C VAL A 128 19.85 17.78 -6.48
N PHE A 129 18.74 18.04 -5.79
CA PHE A 129 17.43 18.20 -6.44
C PHE A 129 16.67 19.28 -5.69
N LYS A 130 15.59 19.75 -6.30
CA LYS A 130 14.69 20.75 -5.68
C LYS A 130 13.30 20.11 -5.59
N GLN A 131 12.67 20.18 -4.43
CA GLN A 131 11.31 19.66 -4.19
C GLN A 131 10.49 20.77 -3.58
N VAL A 132 9.41 21.12 -4.24
CA VAL A 132 8.43 22.15 -3.79
C VAL A 132 7.04 21.55 -3.96
N GLN A 133 6.06 22.10 -3.25
CA GLN A 133 4.66 21.69 -3.33
C GLN A 133 4.00 22.61 -4.38
N CYS A 134 3.21 21.98 -5.24
CA CYS A 134 2.58 22.52 -6.46
C CYS A 134 1.09 22.16 -6.43
N LEU A 135 0.29 22.86 -7.22
CA LEU A 135 -1.17 22.71 -7.22
C LEU A 135 -1.67 22.59 -8.66
N ALA A 136 -2.63 21.70 -8.90
CA ALA A 136 -3.31 21.54 -10.20
C ALA A 136 -4.80 21.42 -9.89
N THR A 137 -5.62 21.78 -10.88
CA THR A 137 -7.09 21.82 -10.76
C THR A 137 -7.70 21.08 -11.95
N SER A 138 -8.89 20.55 -11.76
CA SER A 138 -9.73 19.92 -12.79
C SER A 138 -11.17 20.36 -12.60
N LYS A 139 -11.86 20.61 -13.71
CA LYS A 139 -13.31 20.89 -13.75
C LYS A 139 -14.07 19.60 -14.09
N ASP A 140 -13.40 18.59 -14.66
CA ASP A 140 -14.10 17.41 -15.22
C ASP A 140 -13.62 16.10 -14.57
N GLY A 141 -12.56 16.15 -13.74
CA GLY A 141 -12.05 14.97 -13.01
C GLY A 141 -11.08 14.15 -13.85
N ILE A 142 -10.80 14.58 -15.08
CA ILE A 142 -9.96 13.83 -16.05
C ILE A 142 -8.77 14.68 -16.48
N HIS A 143 -9.02 15.95 -16.85
CA HIS A 143 -8.02 16.91 -17.39
C HIS A 143 -7.65 17.88 -16.29
N PHE A 144 -6.36 18.09 -16.08
CA PHE A 144 -5.83 18.89 -14.96
C PHE A 144 -4.99 20.04 -15.54
N GLU A 145 -5.07 21.19 -14.87
CA GLU A 145 -4.28 22.40 -15.20
C GLU A 145 -3.42 22.77 -14.00
N LYS A 146 -2.13 22.93 -14.23
CA LYS A 146 -1.15 23.30 -13.20
C LYS A 146 -1.32 24.78 -12.88
N GLN A 147 -1.31 25.11 -11.58
CA GLN A 147 -1.45 26.49 -11.07
C GLN A 147 -0.13 26.92 -10.42
N GLY A 148 0.94 26.12 -10.49
CA GLY A 148 2.29 26.55 -10.05
C GLY A 148 2.64 26.16 -8.62
N VAL A 149 3.74 26.74 -8.12
CA VAL A 149 4.39 26.42 -6.81
C VAL A 149 3.60 27.12 -5.70
N ILE A 150 3.27 26.42 -4.61
CA ILE A 150 2.52 26.97 -3.44
C ILE A 150 3.35 26.88 -2.14
N VAL A 151 4.33 25.96 -2.03
CA VAL A 151 5.19 25.89 -0.79
C VAL A 151 6.63 25.59 -1.20
N THR A 152 7.58 26.42 -0.77
CA THR A 152 9.02 26.22 -1.00
C THR A 152 9.65 26.02 0.37
N PRO A 153 10.67 25.14 0.48
CA PRO A 153 11.28 24.83 1.77
C PRO A 153 12.22 25.92 2.26
N PRO A 154 12.60 25.94 3.57
CA PRO A 154 13.70 26.81 4.01
C PRO A 154 14.99 26.49 3.25
N GLU A 155 15.92 27.45 3.23
CA GLU A 155 17.31 27.30 2.72
C GLU A 155 17.97 26.10 3.40
N GLY A 156 18.68 25.26 2.65
CA GLY A 156 19.41 24.09 3.17
C GLY A 156 18.53 22.86 3.39
N ILE A 157 17.22 22.95 3.09
CA ILE A 157 16.26 21.80 3.15
C ILE A 157 15.99 21.32 1.71
N MET A 158 16.35 20.07 1.43
CA MET A 158 16.27 19.50 0.06
C MET A 158 15.12 18.49 -0.02
N HIS A 159 15.14 17.43 0.80
CA HIS A 159 14.03 16.43 0.91
C HIS A 159 12.83 17.12 1.54
N PHE A 160 11.80 17.37 0.75
CA PHE A 160 10.64 18.21 1.16
C PHE A 160 9.45 17.80 0.30
N ARG A 161 8.67 16.81 0.73
CA ARG A 161 7.75 16.16 -0.24
C ARG A 161 6.57 15.42 0.40
N ASP A 162 5.66 14.99 -0.47
CA ASP A 162 4.53 14.10 -0.13
C ASP A 162 3.51 14.87 0.71
N PRO A 163 3.01 16.03 0.21
CA PRO A 163 1.99 16.79 0.93
C PRO A 163 0.69 16.03 1.08
N LYS A 164 0.08 16.16 2.25
CA LYS A 164 -1.28 15.65 2.52
C LYS A 164 -2.06 16.77 3.21
N VAL A 165 -3.18 17.14 2.61
CA VAL A 165 -3.88 18.42 2.95
C VAL A 165 -5.29 18.06 3.38
N TRP A 166 -5.77 18.70 4.45
CA TRP A 166 -7.17 18.56 4.90
C TRP A 166 -7.70 19.90 5.41
N ARG A 167 -9.02 19.98 5.44
CA ARG A 167 -9.81 21.16 5.86
C ARG A 167 -10.10 21.04 7.35
N GLN A 168 -9.84 22.08 8.13
CA GLN A 168 -10.22 22.09 9.57
C GLN A 168 -10.31 23.54 10.05
N ASP A 169 -11.35 23.87 10.82
CA ASP A 169 -11.52 25.22 11.44
C ASP A 169 -11.41 26.30 10.38
N ASP A 170 -12.08 26.16 9.24
CA ASP A 170 -12.09 27.19 8.16
C ASP A 170 -10.65 27.55 7.76
N GLN A 171 -9.73 26.59 7.80
CA GLN A 171 -8.44 26.75 7.09
C GLN A 171 -7.99 25.37 6.57
N TRP A 172 -6.85 25.37 5.89
CA TRP A 172 -6.22 24.15 5.35
C TRP A 172 -4.93 23.87 6.14
N TYR A 173 -4.73 22.60 6.49
CA TYR A 173 -3.47 22.08 7.05
C TYR A 173 -2.78 21.21 6.01
N MET A 174 -1.45 21.21 6.05
CA MET A 174 -0.61 20.36 5.17
C MET A 174 0.46 19.72 6.05
N VAL A 175 0.64 18.41 5.90
CA VAL A 175 1.84 17.70 6.42
C VAL A 175 2.73 17.33 5.23
N VAL A 176 4.04 17.54 5.38
CA VAL A 176 5.08 17.12 4.43
C VAL A 176 6.15 16.37 5.21
N GLY A 177 6.88 15.51 4.50
CA GLY A 177 8.05 14.78 5.02
C GLY A 177 9.31 15.53 4.66
N VAL A 178 10.24 15.62 5.62
CA VAL A 178 11.44 16.50 5.52
C VAL A 178 12.67 15.75 6.07
N ASN A 179 13.82 15.95 5.42
CA ASN A 179 15.17 15.66 5.99
C ASN A 179 15.73 16.99 6.51
N ASP A 180 15.82 17.18 7.83
CA ASP A 180 16.18 18.46 8.48
C ASP A 180 17.70 18.68 8.37
N HIS A 181 18.19 19.84 8.81
CA HIS A 181 19.62 20.22 8.67
C HIS A 181 20.52 19.17 9.34
N ASP A 182 20.08 18.61 10.47
CA ASP A 182 20.85 17.62 11.27
C ASP A 182 20.69 16.19 10.71
N ASN A 183 20.00 16.04 9.57
CA ASN A 183 19.84 14.77 8.82
C ASN A 183 18.85 13.83 9.54
N THR A 184 17.93 14.37 10.33
CA THR A 184 16.78 13.61 10.91
C THR A 184 15.53 13.76 10.03
N GLY A 185 14.79 12.65 9.88
CA GLY A 185 13.45 12.65 9.25
C GLY A 185 12.40 13.30 10.13
N GLN A 186 11.57 14.18 9.58
CA GLN A 186 10.53 14.91 10.33
C GLN A 186 9.28 15.07 9.47
N VAL A 187 8.14 15.21 10.13
CA VAL A 187 6.85 15.62 9.52
C VAL A 187 6.60 17.06 10.01
N TRP A 188 6.53 18.00 9.06
CA TRP A 188 6.24 19.43 9.33
C TRP A 188 4.78 19.73 8.98
N LEU A 189 4.14 20.53 9.84
CA LEU A 189 2.75 20.97 9.66
C LEU A 189 2.79 22.41 9.15
N TYR A 190 2.06 22.67 8.07
CA TYR A 190 1.87 24.03 7.50
C TYR A 190 0.38 24.32 7.46
N HIS A 191 0.02 25.59 7.27
CA HIS A 191 -1.41 25.98 7.16
C HIS A 191 -1.56 27.12 6.16
N SER A 192 -2.78 27.30 5.67
CA SER A 192 -3.15 28.27 4.61
C SER A 192 -4.65 28.54 4.71
N GLN A 193 -5.05 29.78 4.44
CA GLN A 193 -6.48 30.17 4.34
C GLN A 193 -6.98 30.00 2.90
N ASP A 194 -6.09 29.90 1.90
CA ASP A 194 -6.43 30.05 0.45
C ASP A 194 -5.80 29.00 -0.47
N LEU A 195 -5.00 28.06 0.07
CA LEU A 195 -4.31 26.95 -0.67
C LEU A 195 -3.09 27.46 -1.43
N TYR A 196 -2.84 28.77 -1.48
CA TYR A 196 -1.69 29.31 -2.27
C TYR A 196 -0.62 29.85 -1.34
N HIS A 197 -1.02 30.46 -0.24
CA HIS A 197 -0.08 31.09 0.73
C HIS A 197 -0.04 30.22 1.98
N TRP A 198 1.12 29.67 2.31
CA TRP A 198 1.25 28.70 3.43
C TRP A 198 2.26 29.20 4.44
N GLN A 199 2.00 28.94 5.73
CA GLN A 199 2.92 29.31 6.81
C GLN A 199 3.26 28.05 7.63
N PHE A 200 4.54 27.80 7.88
CA PHE A 200 5.02 26.73 8.80
C PHE A 200 4.30 26.87 10.15
N VAL A 201 3.79 25.78 10.72
CA VAL A 201 3.12 25.81 12.05
C VAL A 201 4.04 25.16 13.11
N GLN A 202 4.48 23.92 12.92
CA GLN A 202 5.31 23.20 13.92
C GLN A 202 5.92 21.96 13.29
N VAL A 203 7.03 21.48 13.87
CA VAL A 203 7.52 20.10 13.65
C VAL A 203 6.47 19.21 14.30
N LEU A 204 5.67 18.48 13.52
CA LEU A 204 4.57 17.66 14.08
C LEU A 204 5.11 16.40 14.75
N ALA A 205 6.10 15.76 14.13
CA ALA A 205 6.64 14.46 14.60
C ALA A 205 8.09 14.27 14.15
N LYS A 206 8.85 13.57 14.98
CA LYS A 206 10.25 13.15 14.73
C LYS A 206 10.38 11.86 15.53
N MET A 207 11.26 10.96 15.11
CA MET A 207 11.39 9.64 15.78
C MET A 207 12.60 9.68 16.72
N ALA A 208 12.59 8.87 17.78
CA ALA A 208 13.66 8.82 18.82
C ALA A 208 14.94 8.30 18.17
N ASP A 209 14.82 7.39 17.21
CA ASP A 209 15.99 6.79 16.53
C ASP A 209 16.65 7.85 15.65
N PRO A 210 17.87 8.30 16.01
CA PRO A 210 18.57 9.33 15.26
C PRO A 210 19.01 8.92 13.85
N ASN A 211 18.96 7.62 13.52
CA ASN A 211 19.35 7.11 12.17
C ASN A 211 18.19 7.24 11.15
N VAL A 212 16.97 7.55 11.59
CA VAL A 212 15.84 7.83 10.66
C VAL A 212 16.13 9.20 10.01
N TYR A 213 16.45 9.20 8.71
CA TYR A 213 16.86 10.42 7.96
C TYR A 213 15.70 10.99 7.14
N MET A 214 14.58 10.26 6.98
CA MET A 214 13.43 10.76 6.17
C MET A 214 12.16 10.09 6.67
N LEU A 215 11.06 10.84 6.69
CA LEU A 215 9.69 10.32 6.90
C LEU A 215 8.88 10.61 5.62
N GLU A 216 8.77 9.63 4.72
CA GLU A 216 8.00 9.79 3.46
C GLU A 216 6.50 9.67 3.74
N CYS A 217 5.67 10.22 2.84
CA CYS A 217 4.21 9.95 2.74
C CYS A 217 3.48 10.10 4.08
N PRO A 218 3.61 11.24 4.78
CA PRO A 218 2.83 11.46 5.99
C PRO A 218 1.34 11.63 5.69
N ASP A 219 0.51 11.09 6.57
CA ASP A 219 -0.95 11.33 6.59
C ASP A 219 -1.36 11.46 8.05
N PHE A 220 -1.97 12.59 8.40
CA PHE A 220 -2.35 12.96 9.78
C PHE A 220 -3.85 13.13 9.81
N PHE A 221 -4.54 12.32 10.62
CA PHE A 221 -6.02 12.31 10.59
C PHE A 221 -6.57 11.90 11.93
N PRO A 222 -7.81 12.34 12.25
CA PRO A 222 -8.46 11.96 13.50
C PRO A 222 -9.04 10.54 13.38
N LEU A 223 -9.02 9.80 14.48
CA LEU A 223 -9.66 8.47 14.58
C LEU A 223 -10.09 8.28 16.03
N GLY A 224 -11.38 8.06 16.26
CA GLY A 224 -12.01 8.13 17.59
C GLY A 224 -11.63 9.42 18.29
N ASP A 225 -11.04 9.32 19.49
CA ASP A 225 -10.66 10.49 20.33
C ASP A 225 -9.16 10.77 20.18
N LYS A 226 -8.52 10.21 19.16
CA LYS A 226 -7.06 10.36 18.92
C LYS A 226 -6.79 10.95 17.53
N TYR A 227 -5.55 11.38 17.32
CA TYR A 227 -4.96 11.64 15.99
C TYR A 227 -3.96 10.53 15.68
N VAL A 228 -3.96 10.08 14.43
CA VAL A 228 -3.06 9.02 13.92
C VAL A 228 -2.17 9.68 12.86
N LEU A 229 -0.87 9.44 12.95
CA LEU A 229 0.08 9.80 11.88
C LEU A 229 0.57 8.53 11.22
N THR A 230 0.22 8.32 9.95
CA THR A 230 0.82 7.25 9.13
C THR A 230 2.00 7.89 8.39
N CYS A 231 3.09 7.15 8.23
CA CYS A 231 4.30 7.61 7.50
C CYS A 231 5.19 6.44 7.11
N SER A 232 6.21 6.71 6.33
CA SER A 232 7.18 5.71 5.82
C SER A 232 8.58 6.13 6.22
N PRO A 233 9.06 5.76 7.43
CA PRO A 233 10.43 6.07 7.83
C PRO A 233 11.49 5.36 6.98
N GLN A 234 12.59 6.07 6.74
CA GLN A 234 13.79 5.55 6.07
C GLN A 234 14.95 5.68 7.06
N GLY A 235 15.72 4.59 7.18
CA GLY A 235 16.92 4.47 8.04
C GLY A 235 16.70 3.67 9.32
N MET A 236 15.52 3.10 9.57
CA MET A 236 15.32 2.17 10.72
C MET A 236 16.10 0.89 10.43
N LYS A 237 16.93 0.47 11.37
CA LYS A 237 17.70 -0.81 11.21
C LYS A 237 16.76 -1.97 11.53
N ALA A 238 16.75 -3.00 10.67
CA ALA A 238 16.07 -4.29 10.94
C ALA A 238 16.56 -4.82 12.31
N ASN A 239 15.62 -5.21 13.16
CA ASN A 239 15.91 -5.59 14.56
C ASN A 239 14.96 -6.71 14.99
N GLY A 240 15.45 -7.95 14.96
CA GLY A 240 14.62 -9.15 15.21
C GLY A 240 13.50 -9.22 14.18
N TYR A 241 12.26 -9.32 14.62
CA TYR A 241 11.08 -9.39 13.70
C TYR A 241 10.67 -7.99 13.20
N HIS A 242 11.29 -6.92 13.70
CA HIS A 242 10.91 -5.51 13.43
C HIS A 242 11.67 -4.94 12.23
N TYR A 243 10.95 -4.19 11.38
CA TYR A 243 11.53 -3.29 10.35
C TYR A 243 12.34 -4.11 9.37
N ARG A 244 11.78 -5.22 8.88
CA ARG A 244 12.53 -6.17 8.00
C ARG A 244 12.67 -5.62 6.58
N ASN A 245 11.69 -4.88 6.09
CA ASN A 245 11.71 -4.36 4.69
C ASN A 245 12.76 -3.25 4.57
N ARG A 246 13.27 -3.03 3.34
CA ARG A 246 14.25 -1.96 3.01
C ARG A 246 13.80 -0.64 3.67
N TYR A 247 12.52 -0.32 3.57
CA TYR A 247 11.93 0.89 4.19
C TYR A 247 10.63 0.52 4.90
N GLN A 248 10.32 1.31 5.92
CA GLN A 248 9.18 1.06 6.81
C GLN A 248 7.95 1.89 6.43
N SER A 249 6.77 1.37 6.77
CA SER A 249 5.51 2.13 6.82
C SER A 249 4.81 1.83 8.14
N GLY A 250 4.28 2.84 8.81
CA GLY A 250 3.64 2.58 10.10
C GLY A 250 2.86 3.75 10.63
N TYR A 251 2.43 3.62 11.87
CA TYR A 251 1.51 4.59 12.49
C TYR A 251 1.97 4.94 13.90
N ILE A 252 1.67 6.19 14.28
CA ILE A 252 1.86 6.75 15.64
C ILE A 252 0.50 7.29 16.06
N VAL A 253 0.02 6.88 17.25
CA VAL A 253 -1.27 7.33 17.79
C VAL A 253 -0.96 8.33 18.91
N GLY A 254 -1.77 9.39 19.02
CA GLY A 254 -1.55 10.39 20.09
C GLY A 254 -2.69 11.37 20.17
N ASP A 255 -2.44 12.47 20.88
CA ASP A 255 -3.44 13.54 21.11
C ASP A 255 -2.95 14.79 20.40
N TRP A 256 -3.86 15.47 19.72
CA TRP A 256 -3.54 16.80 19.13
C TRP A 256 -4.82 17.63 19.03
N GLN A 257 -4.63 18.93 19.12
CA GLN A 257 -5.55 19.95 18.56
C GLN A 257 -4.69 21.14 18.15
N PRO A 258 -5.19 22.00 17.25
CA PRO A 258 -4.44 23.18 16.81
C PRO A 258 -3.89 24.00 17.99
N GLY A 259 -2.61 24.39 17.91
CA GLY A 259 -1.88 25.14 18.96
C GLY A 259 -1.16 24.23 19.94
N SER A 260 -1.34 22.91 19.83
CA SER A 260 -0.75 21.92 20.77
C SER A 260 0.26 21.02 20.05
N ALA A 261 1.20 20.47 20.81
CA ALA A 261 2.05 19.35 20.37
C ALA A 261 1.16 18.15 20.06
N PHE A 262 1.64 17.32 19.14
CA PHE A 262 1.14 15.94 18.92
C PHE A 262 1.78 15.07 20.00
N THR A 263 1.06 14.79 21.08
CA THR A 263 1.64 14.00 22.21
C THR A 263 1.33 12.52 21.97
N ILE A 264 2.39 11.73 21.90
CA ILE A 264 2.35 10.29 21.48
C ILE A 264 1.85 9.46 22.66
N THR A 265 0.76 8.70 22.47
CA THR A 265 0.28 7.67 23.43
C THR A 265 0.66 6.27 22.90
N GLN A 266 0.90 6.11 21.60
CA GLN A 266 1.27 4.80 21.01
C GLN A 266 2.38 5.04 19.98
N ASP A 267 3.56 4.50 20.26
CA ASP A 267 4.77 4.82 19.48
C ASP A 267 4.72 4.06 18.14
N PHE A 268 5.60 4.44 17.23
CA PHE A 268 5.66 3.95 15.83
C PHE A 268 5.51 2.43 15.79
N THR A 269 4.44 1.97 15.15
CA THR A 269 4.07 0.55 14.94
C THR A 269 4.00 0.31 13.43
N GLU A 270 4.52 -0.81 12.93
CA GLU A 270 4.42 -1.13 11.50
C GLU A 270 2.96 -1.36 11.15
N LEU A 271 2.55 -0.92 9.96
CA LEU A 271 1.16 -1.06 9.45
C LEU A 271 0.93 -2.48 8.93
N ASP A 272 1.99 -3.13 8.48
CA ASP A 272 1.93 -4.44 7.80
C ASP A 272 3.28 -5.14 8.01
N PHE A 273 3.22 -6.43 8.35
CA PHE A 273 4.40 -7.23 8.79
C PHE A 273 4.95 -8.09 7.65
N GLY A 274 4.39 -7.95 6.44
CA GLY A 274 4.82 -8.71 5.26
C GLY A 274 5.98 -8.05 4.54
N HIS A 275 6.21 -8.47 3.30
CA HIS A 275 7.38 -8.09 2.46
C HIS A 275 7.10 -6.78 1.69
N ASP A 276 5.84 -6.52 1.32
CA ASP A 276 5.53 -5.56 0.21
C ASP A 276 4.39 -4.65 0.64
N TYR A 277 4.71 -3.62 1.41
CA TYR A 277 3.77 -2.61 1.93
C TYR A 277 4.56 -1.32 2.12
N TYR A 278 4.27 -0.30 1.31
CA TYR A 278 5.01 0.98 1.34
C TYR A 278 4.09 2.14 0.97
N ALA A 279 4.35 3.31 1.55
CA ALA A 279 3.77 4.61 1.16
C ALA A 279 2.24 4.56 1.24
N PRO A 280 1.66 4.29 2.42
CA PRO A 280 0.21 4.34 2.59
C PRO A 280 -0.32 5.78 2.41
N GLN A 281 -1.54 5.88 1.91
CA GLN A 281 -2.36 7.11 2.00
C GLN A 281 -3.79 6.70 2.35
N THR A 282 -4.54 7.61 2.98
CA THR A 282 -5.91 7.34 3.44
C THR A 282 -6.88 8.30 2.74
N LEU A 283 -8.16 7.92 2.75
CA LEU A 283 -9.31 8.81 2.46
C LEU A 283 -10.45 8.49 3.42
N ILE A 284 -11.43 9.41 3.47
CA ILE A 284 -12.74 9.20 4.12
C ILE A 284 -13.70 8.65 3.06
N SER A 285 -14.32 7.52 3.31
CA SER A 285 -15.37 6.97 2.41
C SER A 285 -16.65 7.79 2.55
N HIS A 286 -17.58 7.59 1.62
CA HIS A 286 -18.91 8.23 1.68
C HIS A 286 -19.51 8.02 3.08
N ASP A 287 -19.46 6.80 3.64
CA ASP A 287 -20.08 6.48 4.95
C ASP A 287 -19.07 6.71 6.11
N GLN A 288 -17.98 7.44 5.88
CA GLN A 288 -17.09 8.01 6.93
C GLN A 288 -16.18 6.92 7.53
N ARG A 289 -15.93 5.82 6.82
CA ARG A 289 -14.81 4.89 7.12
C ARG A 289 -13.49 5.59 6.77
N ARG A 290 -12.45 5.34 7.55
CA ARG A 290 -11.04 5.72 7.23
C ARG A 290 -10.44 4.55 6.46
N ILE A 291 -10.06 4.79 5.21
CA ILE A 291 -9.63 3.73 4.25
C ILE A 291 -8.15 3.98 3.90
N VAL A 292 -7.34 2.94 3.95
CA VAL A 292 -5.90 3.03 3.58
C VAL A 292 -5.59 2.14 2.37
N ILE A 293 -4.83 2.70 1.45
CA ILE A 293 -4.27 2.03 0.24
C ILE A 293 -2.78 2.32 0.23
N ALA A 294 -1.99 1.30 -0.09
CA ALA A 294 -0.53 1.40 -0.11
C ALA A 294 -0.02 0.79 -1.41
N TRP A 295 1.25 1.04 -1.71
CA TRP A 295 2.03 0.34 -2.75
C TRP A 295 2.33 -1.09 -2.22
N MET A 296 1.89 -2.10 -2.96
CA MET A 296 2.08 -3.53 -2.64
C MET A 296 3.38 -3.99 -3.29
N ASP A 297 4.48 -3.46 -2.79
CA ASP A 297 5.82 -3.58 -3.42
C ASP A 297 6.83 -2.99 -2.46
N MET A 298 8.11 -3.06 -2.83
CA MET A 298 9.20 -2.54 -1.98
C MET A 298 10.36 -2.13 -2.88
N TRP A 299 10.86 -0.91 -2.65
CA TRP A 299 12.09 -0.43 -3.33
C TRP A 299 13.19 -1.50 -3.23
N ASP A 300 13.85 -1.73 -4.37
CA ASP A 300 15.08 -2.53 -4.51
C ASP A 300 14.77 -4.02 -4.52
N SER A 301 13.51 -4.46 -4.45
CA SER A 301 13.14 -5.88 -4.59
C SER A 301 13.27 -6.27 -6.05
N VAL A 302 13.61 -7.53 -6.30
CA VAL A 302 13.47 -8.19 -7.63
C VAL A 302 11.99 -8.09 -8.04
N MET A 303 11.74 -7.72 -9.29
CA MET A 303 10.37 -7.50 -9.78
C MET A 303 10.21 -8.28 -11.08
N PRO A 304 9.95 -9.60 -10.97
CA PRO A 304 9.81 -10.49 -12.13
C PRO A 304 8.80 -10.03 -13.19
N SER A 305 7.81 -9.18 -12.82
CA SER A 305 6.78 -8.70 -13.78
C SER A 305 7.45 -7.82 -14.84
N GLN A 306 8.64 -7.30 -14.57
CA GLN A 306 9.35 -6.35 -15.47
C GLN A 306 9.67 -7.04 -16.81
N ALA A 307 9.79 -8.37 -16.84
CA ALA A 307 9.93 -9.14 -18.11
C ALA A 307 8.63 -9.05 -18.92
N ASP A 308 7.53 -8.60 -18.32
CA ASP A 308 6.20 -8.55 -18.98
C ASP A 308 5.77 -7.09 -19.23
N LYS A 309 6.70 -6.14 -19.18
CA LYS A 309 6.55 -4.73 -19.63
C LYS A 309 5.63 -3.96 -18.68
N TRP A 310 5.50 -4.40 -17.43
CA TRP A 310 4.74 -3.67 -16.39
C TRP A 310 5.31 -3.99 -15.00
N ALA A 311 5.08 -3.10 -14.03
CA ALA A 311 5.42 -3.34 -12.61
C ALA A 311 4.60 -2.41 -11.73
N GLY A 312 4.23 -2.89 -10.54
CA GLY A 312 3.64 -2.01 -9.53
C GLY A 312 2.19 -2.39 -9.32
N VAL A 313 1.84 -2.69 -8.07
CA VAL A 313 0.44 -2.98 -7.71
C VAL A 313 0.14 -2.26 -6.41
N LEU A 314 -1.09 -1.81 -6.24
CA LEU A 314 -1.56 -1.26 -4.97
C LEU A 314 -2.23 -2.38 -4.15
N THR A 315 -2.22 -2.22 -2.85
CA THR A 315 -2.88 -3.14 -1.89
C THR A 315 -4.38 -3.02 -2.05
N LEU A 316 -5.11 -3.99 -1.52
CA LEU A 316 -6.55 -3.85 -1.26
C LEU A 316 -6.72 -2.60 -0.42
N PRO A 317 -7.84 -1.87 -0.58
CA PRO A 317 -8.24 -0.86 0.40
C PRO A 317 -8.63 -1.52 1.73
N ARG A 318 -8.26 -0.90 2.86
CA ARG A 318 -8.47 -1.47 4.20
C ARG A 318 -9.06 -0.39 5.11
N THR A 319 -9.98 -0.78 5.99
CA THR A 319 -10.51 0.12 7.04
C THR A 319 -9.49 0.18 8.18
N LEU A 320 -9.38 1.36 8.79
CA LEU A 320 -8.65 1.61 10.05
C LEU A 320 -9.71 1.94 11.12
N MET A 321 -9.57 1.33 12.30
CA MET A 321 -10.35 1.59 13.53
C MET A 321 -9.40 1.48 14.72
N LEU A 322 -9.59 2.29 15.76
CA LEU A 322 -8.78 2.20 16.99
C LEU A 322 -9.34 1.11 17.91
N SER A 323 -8.48 0.21 18.40
CA SER A 323 -8.82 -0.75 19.49
C SER A 323 -8.84 0.02 20.82
N SER A 324 -9.44 -0.57 21.85
CA SER A 324 -9.52 0.02 23.20
C SER A 324 -8.11 0.35 23.73
N ASN A 325 -7.05 -0.35 23.28
CA ASN A 325 -5.65 -0.03 23.69
C ASN A 325 -4.94 0.76 22.58
N ASN A 326 -5.71 1.42 21.69
CA ASN A 326 -5.22 2.45 20.75
C ASN A 326 -4.18 1.85 19.79
N LYS A 327 -4.44 0.63 19.33
CA LYS A 327 -3.76 0.03 18.15
C LYS A 327 -4.80 -0.02 17.03
N LEU A 328 -4.33 0.02 15.80
CA LEU A 328 -5.20 -0.05 14.59
C LEU A 328 -5.66 -1.49 14.37
N LEU A 329 -6.97 -1.66 14.32
CA LEU A 329 -7.61 -2.87 13.72
C LEU A 329 -7.76 -2.60 12.21
N ILE A 330 -7.19 -3.47 11.39
CA ILE A 330 -7.12 -3.26 9.91
C ILE A 330 -7.83 -4.43 9.23
N ASN A 331 -8.85 -4.10 8.42
CA ASN A 331 -9.76 -5.09 7.82
C ASN A 331 -9.90 -4.76 6.33
N PRO A 332 -10.18 -5.75 5.47
CA PRO A 332 -10.50 -5.48 4.08
C PRO A 332 -11.87 -4.78 4.03
N ILE A 333 -12.04 -3.88 3.06
CA ILE A 333 -13.35 -3.20 2.86
C ILE A 333 -14.41 -4.24 2.51
N THR A 334 -15.64 -4.04 3.01
CA THR A 334 -16.77 -4.99 2.82
C THR A 334 -17.15 -5.12 1.33
N GLU A 335 -16.93 -4.07 0.52
CA GLU A 335 -17.34 -4.04 -0.91
C GLU A 335 -16.62 -5.12 -1.72
N LEU A 336 -15.45 -5.62 -1.28
CA LEU A 336 -14.75 -6.69 -2.03
C LEU A 336 -15.61 -7.96 -2.11
N LYS A 337 -16.61 -8.10 -1.22
CA LYS A 337 -17.50 -9.29 -1.21
C LYS A 337 -18.22 -9.35 -2.56
N SER A 338 -18.41 -8.19 -3.19
CA SER A 338 -19.10 -8.09 -4.49
C SER A 338 -18.30 -8.81 -5.60
N LEU A 339 -17.02 -9.14 -5.39
CA LEU A 339 -16.23 -9.89 -6.42
C LEU A 339 -16.37 -11.41 -6.26
N ARG A 340 -17.07 -11.89 -5.24
CA ARG A 340 -17.05 -13.34 -4.91
C ARG A 340 -17.82 -14.12 -5.96
N GLY A 341 -17.26 -15.23 -6.44
CA GLY A 341 -17.97 -16.18 -7.32
C GLY A 341 -18.39 -17.43 -6.58
N ILE A 342 -18.07 -18.58 -7.18
CA ILE A 342 -18.29 -19.96 -6.66
C ILE A 342 -17.68 -20.01 -5.26
N GLN A 343 -18.53 -20.21 -4.24
CA GLN A 343 -18.16 -20.46 -2.81
C GLN A 343 -17.99 -21.97 -2.57
N LYS A 344 -17.01 -22.35 -1.74
CA LYS A 344 -16.83 -23.74 -1.23
C LYS A 344 -16.58 -23.64 0.29
N LYS A 345 -17.29 -24.44 1.09
CA LYS A 345 -17.12 -24.49 2.56
C LYS A 345 -16.68 -25.91 2.94
N ILE A 346 -15.56 -26.04 3.66
CA ILE A 346 -15.11 -27.31 4.30
C ILE A 346 -15.10 -27.09 5.80
N THR A 347 -15.64 -28.02 6.59
CA THR A 347 -15.69 -27.91 8.06
C THR A 347 -14.87 -29.04 8.67
N SER A 348 -14.08 -28.75 9.69
CA SER A 348 -13.48 -29.78 10.58
C SER A 348 -12.53 -30.64 9.75
N ILE A 349 -11.37 -30.10 9.40
CA ILE A 349 -10.30 -30.82 8.66
C ILE A 349 -9.15 -31.04 9.66
N ASN A 350 -8.81 -32.29 9.92
CA ASN A 350 -7.68 -32.69 10.79
C ASN A 350 -6.59 -33.31 9.92
N LEU A 351 -5.36 -32.89 10.15
CA LEU A 351 -4.17 -33.50 9.52
C LEU A 351 -3.16 -33.75 10.63
N SER A 352 -2.44 -34.85 10.50
CA SER A 352 -1.30 -35.23 11.37
C SER A 352 -0.20 -35.75 10.46
N ASN A 353 0.97 -35.11 10.46
CA ASN A 353 2.15 -35.58 9.70
C ASN A 353 1.71 -35.95 8.28
N ALA A 354 1.06 -35.02 7.59
CA ALA A 354 0.48 -35.29 6.26
C ALA A 354 0.19 -33.96 5.55
N ILE A 355 0.04 -34.07 4.24
CA ILE A 355 -0.32 -32.97 3.32
C ILE A 355 -1.64 -33.39 2.66
N GLN A 356 -2.42 -32.43 2.18
CA GLN A 356 -3.69 -32.70 1.48
C GLN A 356 -3.94 -31.61 0.44
N ASP A 357 -4.01 -32.00 -0.83
CA ASP A 357 -4.38 -31.12 -1.96
C ASP A 357 -5.88 -30.83 -1.83
N LEU A 358 -6.27 -29.58 -1.60
CA LEU A 358 -7.68 -29.15 -1.49
C LEU A 358 -8.32 -29.07 -2.87
N GLN A 359 -7.51 -29.12 -3.93
CA GLN A 359 -7.97 -29.09 -5.34
C GLN A 359 -8.85 -27.86 -5.53
N LEU A 360 -8.31 -26.69 -5.20
CA LEU A 360 -9.00 -25.38 -5.37
C LEU A 360 -8.06 -24.44 -6.11
N ASP A 361 -8.55 -23.77 -7.16
CA ASP A 361 -7.75 -22.88 -8.04
C ASP A 361 -7.26 -21.69 -7.18
N SER A 362 -5.94 -21.44 -7.22
CA SER A 362 -5.28 -20.40 -6.37
C SER A 362 -4.81 -19.23 -7.26
N MET A 363 -5.44 -19.02 -8.41
CA MET A 363 -5.09 -17.89 -9.31
C MET A 363 -5.58 -16.58 -8.69
N GLN A 364 -6.85 -16.54 -8.28
CA GLN A 364 -7.55 -15.35 -7.75
C GLN A 364 -8.67 -15.84 -6.84
N CYS A 365 -8.44 -15.83 -5.53
CA CYS A 365 -9.41 -16.40 -4.56
C CYS A 365 -9.30 -15.69 -3.23
N GLU A 366 -10.29 -15.95 -2.40
CA GLU A 366 -10.41 -15.42 -1.03
C GLU A 366 -10.61 -16.64 -0.13
N LEU A 367 -9.86 -16.73 0.95
CA LEU A 367 -10.01 -17.83 1.93
C LEU A 367 -10.30 -17.22 3.30
N ILE A 368 -11.16 -17.86 4.08
CA ILE A 368 -11.18 -17.65 5.56
C ILE A 368 -10.82 -18.99 6.19
N LEU A 369 -9.66 -19.04 6.85
CA LEU A 369 -9.12 -20.26 7.48
C LEU A 369 -9.13 -20.04 8.99
N LYS A 370 -9.97 -20.80 9.69
CA LYS A 370 -10.10 -20.73 11.17
C LYS A 370 -9.37 -21.93 11.74
N ILE A 371 -8.31 -21.68 12.51
CA ILE A 371 -7.42 -22.75 13.04
C ILE A 371 -7.56 -22.79 14.56
N ASP A 372 -7.77 -23.99 15.09
CA ASP A 372 -7.78 -24.27 16.55
C ASP A 372 -6.33 -24.31 17.00
N LEU A 373 -5.89 -23.29 17.71
CA LEU A 373 -4.47 -23.18 18.15
C LEU A 373 -4.16 -24.15 19.29
N THR A 374 -5.12 -24.40 20.18
CA THR A 374 -4.93 -25.34 21.31
C THR A 374 -4.58 -26.73 20.75
N ASN A 375 -5.30 -27.19 19.73
CA ASN A 375 -5.23 -28.59 19.23
C ASN A 375 -4.36 -28.70 17.99
N SER A 376 -3.95 -27.59 17.38
CA SER A 376 -2.93 -27.58 16.31
C SER A 376 -1.56 -27.51 17.01
N ASP A 377 -0.98 -28.66 17.33
CA ASP A 377 0.30 -28.74 18.09
C ASP A 377 1.48 -29.11 17.17
N ALA A 378 1.26 -29.29 15.88
CA ALA A 378 2.33 -29.54 14.89
C ALA A 378 3.45 -28.49 15.05
N GLU A 379 4.71 -28.88 14.84
CA GLU A 379 5.81 -27.88 14.81
C GLU A 379 5.51 -26.82 13.74
N ARG A 380 5.04 -27.26 12.56
CA ARG A 380 4.65 -26.38 11.42
C ARG A 380 3.34 -26.92 10.83
N ALA A 381 2.31 -26.08 10.76
CA ALA A 381 1.00 -26.49 10.21
C ALA A 381 0.26 -25.29 9.61
N GLY A 382 -0.23 -25.45 8.38
CA GLY A 382 -1.08 -24.43 7.75
C GLY A 382 -1.33 -24.77 6.29
N ILE A 383 -1.17 -23.77 5.44
CA ILE A 383 -1.65 -23.85 4.02
C ILE A 383 -0.50 -23.47 3.08
N ALA A 384 -0.41 -24.18 1.97
CA ALA A 384 0.52 -23.92 0.85
C ALA A 384 -0.32 -23.25 -0.25
N LEU A 385 -0.09 -21.95 -0.45
CA LEU A 385 -0.91 -21.08 -1.33
C LEU A 385 -0.24 -21.06 -2.69
N SER A 386 -1.03 -20.86 -3.74
CA SER A 386 -0.53 -20.68 -5.13
C SER A 386 0.50 -21.76 -5.42
N ALA A 387 0.09 -23.03 -5.24
CA ALA A 387 1.02 -24.18 -5.19
C ALA A 387 0.98 -24.93 -6.52
N SER A 388 2.14 -25.40 -7.00
CA SER A 388 2.20 -26.32 -8.16
C SER A 388 1.52 -27.64 -7.74
N PRO A 389 0.88 -28.38 -8.68
CA PRO A 389 0.20 -29.62 -8.33
C PRO A 389 1.14 -30.66 -7.70
N ASP A 390 2.44 -30.62 -8.03
CA ASP A 390 3.49 -31.51 -7.43
C ASP A 390 3.93 -31.03 -6.04
N GLY A 391 3.44 -29.87 -5.56
CA GLY A 391 3.76 -29.36 -4.21
C GLY A 391 5.18 -28.83 -4.07
N LYS A 392 5.95 -28.79 -5.16
CA LYS A 392 7.37 -28.36 -5.16
C LYS A 392 7.48 -26.84 -5.01
N GLN A 393 6.51 -26.12 -5.58
CA GLN A 393 6.44 -24.64 -5.53
C GLN A 393 5.16 -24.27 -4.78
N SER A 394 5.27 -23.40 -3.77
CA SER A 394 4.14 -22.86 -3.01
C SER A 394 4.58 -21.67 -2.16
N THR A 395 3.60 -20.93 -1.66
CA THR A 395 3.77 -19.86 -0.67
C THR A 395 3.23 -20.41 0.65
N LEU A 396 4.08 -20.48 1.66
CA LEU A 396 3.74 -21.21 2.91
C LEU A 396 3.23 -20.19 3.91
N LEU A 397 2.01 -20.39 4.38
CA LEU A 397 1.40 -19.58 5.44
C LEU A 397 1.00 -20.53 6.57
N TYR A 398 1.66 -20.46 7.72
CA TYR A 398 1.49 -21.52 8.74
C TYR A 398 1.80 -21.02 10.14
N VAL A 399 1.31 -21.79 11.09
CA VAL A 399 1.63 -21.67 12.53
C VAL A 399 2.97 -22.38 12.77
N ASP A 400 3.93 -21.65 13.30
CA ASP A 400 5.20 -22.24 13.82
C ASP A 400 5.00 -22.27 15.34
N ASN A 401 4.81 -23.47 15.89
CA ASN A 401 4.51 -23.63 17.33
C ASN A 401 5.78 -23.48 18.18
N GLN A 402 6.97 -23.49 17.58
CA GLN A 402 8.22 -23.23 18.32
C GLN A 402 8.36 -21.70 18.50
N ALA A 403 8.31 -20.95 17.39
CA ALA A 403 8.32 -19.47 17.41
C ALA A 403 7.05 -18.94 18.06
N GLN A 404 5.95 -19.70 17.97
CA GLN A 404 4.60 -19.20 18.36
C GLN A 404 4.29 -17.98 17.49
N ARG A 405 4.51 -18.12 16.20
CA ARG A 405 4.23 -17.02 15.24
C ARG A 405 3.53 -17.59 14.01
N VAL A 406 2.84 -16.71 13.29
CA VAL A 406 2.33 -17.03 11.93
C VAL A 406 3.45 -16.68 10.97
N ILE A 407 3.77 -17.58 10.06
CA ILE A 407 4.90 -17.42 9.12
C ILE A 407 4.31 -17.34 7.72
N LEU A 408 4.75 -16.37 6.94
CA LEU A 408 4.52 -16.30 5.48
C LEU A 408 5.88 -16.43 4.82
N ASP A 409 6.17 -17.60 4.25
CA ASP A 409 7.49 -17.93 3.66
C ASP A 409 7.33 -18.02 2.15
N ARG A 410 8.07 -17.19 1.42
CA ARG A 410 7.99 -17.14 -0.07
C ARG A 410 9.25 -17.74 -0.69
N THR A 411 10.05 -18.50 0.08
CA THR A 411 11.29 -19.16 -0.40
C THR A 411 10.99 -20.01 -1.65
N TYR A 412 9.88 -20.74 -1.69
CA TYR A 412 9.56 -21.69 -2.79
C TYR A 412 8.43 -21.17 -3.68
N SER A 413 8.14 -19.87 -3.63
CA SER A 413 6.92 -19.27 -4.23
C SER A 413 6.96 -19.27 -5.76
N GLY A 414 8.18 -19.21 -6.32
CA GLY A 414 8.41 -18.99 -7.75
C GLY A 414 9.63 -18.11 -7.98
N GLU A 415 9.51 -17.13 -8.88
CA GLU A 415 10.63 -16.22 -9.24
C GLU A 415 10.84 -15.16 -8.15
N GLY A 416 12.04 -14.61 -8.07
CA GLY A 416 12.35 -13.44 -7.24
C GLY A 416 12.79 -13.80 -5.84
N MET A 417 12.30 -13.07 -4.84
CA MET A 417 12.88 -12.98 -3.48
C MET A 417 12.51 -14.24 -2.68
N VAL A 418 13.36 -14.62 -1.74
CA VAL A 418 13.12 -15.76 -0.80
C VAL A 418 12.93 -15.20 0.62
N GLY A 419 12.59 -16.08 1.56
CA GLY A 419 12.56 -15.80 3.01
C GLY A 419 11.15 -15.56 3.48
N TYR A 420 11.03 -15.21 4.75
CA TYR A 420 9.73 -15.16 5.43
C TYR A 420 9.54 -13.82 6.14
N ARG A 421 8.29 -13.58 6.46
CA ARG A 421 7.78 -12.54 7.37
C ARG A 421 6.88 -13.21 8.38
N SER A 422 6.49 -12.49 9.44
CA SER A 422 5.76 -13.15 10.55
C SER A 422 5.03 -12.15 11.42
N VAL A 423 4.07 -12.65 12.18
CA VAL A 423 3.42 -11.93 13.31
C VAL A 423 3.35 -12.91 14.47
N ALA A 424 3.35 -12.39 15.70
CA ALA A 424 3.09 -13.19 16.91
C ALA A 424 1.68 -13.83 16.77
N LEU A 425 1.50 -15.07 17.27
CA LEU A 425 0.15 -15.67 17.38
C LEU A 425 -0.70 -14.76 18.26
N PRO A 426 -1.99 -14.50 17.94
CA PRO A 426 -2.81 -13.68 18.82
C PRO A 426 -3.18 -14.49 20.07
N ALA A 427 -3.46 -13.80 21.17
CA ALA A 427 -3.88 -14.42 22.44
C ALA A 427 -5.37 -14.76 22.30
N ASP A 428 -5.65 -15.90 21.69
CA ASP A 428 -7.02 -16.35 21.34
C ASP A 428 -6.93 -17.85 21.04
N LYS A 429 -7.96 -18.63 21.37
CA LYS A 429 -8.00 -20.09 21.12
C LYS A 429 -7.91 -20.36 19.62
N PHE A 430 -8.44 -19.43 18.82
CA PHE A 430 -8.62 -19.57 17.35
C PHE A 430 -7.79 -18.49 16.66
N LEU A 431 -7.12 -18.93 15.60
CA LEU A 431 -6.45 -18.07 14.62
C LEU A 431 -7.35 -18.04 13.39
N THR A 432 -7.85 -16.87 13.00
CA THR A 432 -8.55 -16.68 11.72
C THR A 432 -7.60 -15.98 10.74
N LEU A 433 -7.30 -16.65 9.62
CA LEU A 433 -6.53 -16.07 8.50
C LEU A 433 -7.50 -15.77 7.35
N HIS A 434 -7.75 -14.49 7.10
CA HIS A 434 -8.55 -13.99 5.95
C HIS A 434 -7.56 -13.62 4.84
N ILE A 435 -7.49 -14.47 3.81
CA ILE A 435 -6.41 -14.50 2.79
C ILE A 435 -6.97 -14.10 1.42
N PHE A 436 -6.36 -13.09 0.81
CA PHE A 436 -6.65 -12.65 -0.58
C PHE A 436 -5.43 -12.97 -1.47
N ILE A 437 -5.67 -13.83 -2.44
CA ILE A 437 -4.66 -14.28 -3.42
C ILE A 437 -5.02 -13.65 -4.76
N ASP A 438 -4.04 -13.02 -5.40
CA ASP A 438 -4.15 -12.55 -6.80
C ASP A 438 -2.98 -13.15 -7.56
N HIS A 439 -2.80 -12.78 -8.83
CA HIS A 439 -1.87 -13.47 -9.76
C HIS A 439 -0.43 -13.33 -9.25
N SER A 440 -0.11 -12.30 -8.46
CA SER A 440 1.27 -12.11 -7.95
C SER A 440 1.28 -11.53 -6.53
N SER A 441 0.32 -11.89 -5.68
CA SER A 441 0.24 -11.29 -4.32
C SER A 441 -0.56 -12.15 -3.33
N VAL A 442 -0.20 -12.05 -2.06
CA VAL A 442 -0.93 -12.65 -0.91
C VAL A 442 -1.12 -11.55 0.12
N GLU A 443 -2.35 -11.36 0.58
CA GLU A 443 -2.68 -10.44 1.69
C GLU A 443 -3.41 -11.26 2.77
N VAL A 444 -2.94 -11.15 4.01
CA VAL A 444 -3.44 -11.89 5.19
C VAL A 444 -3.90 -10.89 6.24
N PHE A 445 -5.16 -10.99 6.63
CA PHE A 445 -5.75 -10.30 7.79
C PHE A 445 -5.93 -11.32 8.91
N VAL A 446 -5.28 -11.06 10.05
CA VAL A 446 -5.25 -11.98 11.22
C VAL A 446 -6.35 -11.55 12.20
N ASN A 447 -7.21 -12.50 12.53
CA ASN A 447 -8.24 -12.37 13.59
C ASN A 447 -9.10 -11.13 13.28
N GLU A 448 -9.25 -10.16 14.20
CA GLU A 448 -10.28 -9.09 14.00
C GLU A 448 -9.63 -7.89 13.29
N GLY A 449 -8.48 -8.07 12.64
CA GLY A 449 -7.64 -6.96 12.13
C GLY A 449 -6.48 -6.60 13.03
N GLN A 450 -6.09 -7.48 13.96
CA GLN A 450 -4.95 -7.21 14.89
C GLN A 450 -3.64 -7.06 14.10
N ALA A 451 -3.51 -7.74 12.98
CA ALA A 451 -2.26 -7.71 12.18
C ALA A 451 -2.56 -8.10 10.74
N THR A 452 -1.72 -7.62 9.82
CA THR A 452 -1.76 -8.02 8.39
C THR A 452 -0.36 -8.34 7.90
N LEU A 453 -0.30 -9.23 6.90
CA LEU A 453 0.93 -9.62 6.16
C LEU A 453 0.64 -9.52 4.68
N THR A 454 1.43 -8.72 3.98
CA THR A 454 1.28 -8.49 2.54
C THR A 454 2.61 -8.78 1.87
N SER A 455 2.64 -9.72 0.90
CA SER A 455 3.86 -10.11 0.16
C SER A 455 3.50 -10.38 -1.29
N ARG A 456 4.38 -9.95 -2.20
CA ARG A 456 4.32 -10.31 -3.63
C ARG A 456 4.91 -11.71 -3.80
N ILE A 457 4.31 -12.48 -4.70
CA ILE A 457 4.75 -13.84 -5.11
C ILE A 457 4.69 -13.93 -6.63
N TYR A 458 5.54 -14.74 -7.25
CA TYR A 458 5.64 -14.87 -8.72
C TYR A 458 5.65 -16.35 -9.09
N PRO A 459 4.51 -17.05 -8.97
CA PRO A 459 4.44 -18.49 -9.25
C PRO A 459 4.64 -18.71 -10.76
N THR A 460 5.39 -19.76 -11.12
CA THR A 460 5.72 -20.11 -12.53
C THR A 460 4.89 -21.28 -13.02
N SER A 461 4.04 -21.89 -12.19
CA SER A 461 3.26 -23.11 -12.55
C SER A 461 2.00 -22.71 -13.34
N GLU A 462 1.57 -23.60 -14.25
CA GLU A 462 0.39 -23.37 -15.14
C GLU A 462 -0.89 -23.47 -14.32
N LYS A 463 -0.94 -24.45 -13.42
CA LYS A 463 -2.07 -24.68 -12.49
C LYS A 463 -1.61 -24.33 -11.07
N ARG A 464 -2.48 -23.67 -10.32
CA ARG A 464 -2.18 -23.23 -8.93
C ARG A 464 -3.27 -23.79 -8.04
N THR A 465 -2.87 -24.59 -7.06
CA THR A 465 -3.81 -25.23 -6.11
C THR A 465 -3.47 -24.78 -4.68
N LEU A 466 -4.18 -25.34 -3.71
CA LEU A 466 -3.98 -25.13 -2.24
C LEU A 466 -3.75 -26.49 -1.58
N PHE A 467 -2.74 -26.59 -0.71
CA PHE A 467 -2.55 -27.78 0.15
C PHE A 467 -2.68 -27.35 1.61
N LEU A 468 -3.20 -28.24 2.44
CA LEU A 468 -3.04 -28.14 3.91
C LEU A 468 -1.87 -29.04 4.28
N PHE A 469 -1.15 -28.72 5.36
CA PHE A 469 -0.01 -29.54 5.82
C PHE A 469 0.14 -29.41 7.34
N ALA A 470 0.56 -30.52 7.94
CA ALA A 470 0.92 -30.65 9.35
C ALA A 470 2.25 -31.41 9.41
N GLU A 471 3.23 -30.83 10.09
CA GLU A 471 4.55 -31.47 10.32
C GLU A 471 4.80 -31.67 11.80
N ASN A 472 5.21 -32.89 12.21
CA ASN A 472 5.56 -33.21 13.62
C ASN A 472 4.42 -32.77 14.53
N GLY A 473 3.22 -33.27 14.22
CA GLY A 473 2.03 -33.11 15.08
C GLY A 473 0.81 -32.77 14.24
N ALA A 474 -0.18 -32.16 14.88
CA ALA A 474 -1.55 -32.07 14.32
C ALA A 474 -1.85 -30.64 13.84
N LEU A 475 -2.67 -30.54 12.80
CA LEU A 475 -3.40 -29.30 12.41
C LEU A 475 -4.90 -29.56 12.59
N ARG A 476 -5.58 -28.64 13.27
CA ARG A 476 -7.06 -28.63 13.39
C ARG A 476 -7.59 -27.36 12.72
N VAL A 477 -8.17 -27.51 11.52
CA VAL A 477 -8.92 -26.43 10.80
C VAL A 477 -10.40 -26.55 11.16
N GLU A 478 -10.92 -25.63 11.95
CA GLU A 478 -12.35 -25.61 12.34
CA GLU A 478 -12.36 -25.65 12.34
C GLU A 478 -13.22 -25.41 11.08
N GLN A 479 -12.85 -24.42 10.27
CA GLN A 479 -13.57 -24.11 9.01
C GLN A 479 -12.62 -23.44 8.01
N LEU A 480 -12.81 -23.80 6.73
CA LEU A 480 -12.18 -23.17 5.54
C LEU A 480 -13.29 -22.71 4.60
N ASP A 481 -13.43 -21.39 4.41
CA ASP A 481 -14.31 -20.79 3.36
C ASP A 481 -13.42 -20.36 2.20
N TYR A 482 -13.84 -20.69 0.99
CA TYR A 482 -13.15 -20.33 -0.27
C TYR A 482 -14.14 -19.66 -1.21
N TRP A 483 -13.70 -18.59 -1.87
CA TRP A 483 -14.41 -17.96 -3.01
C TRP A 483 -13.42 -17.76 -4.16
N GLN A 484 -13.80 -18.12 -5.38
CA GLN A 484 -13.16 -17.55 -6.58
C GLN A 484 -13.43 -16.04 -6.56
N ILE A 485 -12.47 -15.23 -6.97
CA ILE A 485 -12.63 -13.75 -7.03
C ILE A 485 -12.63 -13.33 -8.51
N LYS A 486 -13.62 -12.55 -8.91
CA LYS A 486 -13.83 -12.14 -10.33
C LYS A 486 -12.86 -11.01 -10.69
N ASN A 487 -12.48 -10.92 -11.97
CA ASN A 487 -11.70 -9.75 -12.49
CA ASN A 487 -11.74 -9.77 -12.54
C ASN A 487 -12.53 -8.49 -12.21
N MET A 488 -11.94 -7.53 -11.53
CA MET A 488 -12.64 -6.26 -11.17
C MET A 488 -12.97 -5.43 -12.42
N ARG A 489 -12.28 -5.65 -13.52
CA ARG A 489 -12.33 -4.80 -14.74
C ARG A 489 -13.43 -5.29 -15.68
N GLY A 490 -13.96 -6.48 -15.42
CA GLY A 490 -14.90 -7.20 -16.30
C GLY A 490 -14.30 -8.48 -16.82
C1 FRU B . 8.04 6.92 -1.79
C2 FRU B . 8.47 8.12 -2.68
C3 FRU B . 7.88 9.48 -2.26
C4 FRU B . 8.05 10.30 -3.57
C5 FRU B . 7.80 9.27 -4.67
C6 FRU B . 8.68 9.32 -5.95
O1 FRU B . 7.78 5.69 -2.52
O2 FRU B . 9.90 8.17 -2.63
O3 FRU B . 8.45 10.04 -1.04
O4 FRU B . 7.13 11.39 -3.59
O5 FRU B . 8.06 8.00 -4.05
O6 FRU B . 8.14 8.39 -6.93
C1 PEG C . 11.18 24.86 10.83
O1 PEG C . 12.12 24.19 11.66
C2 PEG C . 11.75 26.09 10.23
O2 PEG C . 10.79 26.69 9.38
C3 PEG C . 11.26 27.89 8.77
C4 PEG C . 10.12 28.80 8.41
O4 PEG C . 9.59 28.53 7.13
OH2 1PE D . 8.39 -27.63 -0.81
C12 1PE D . 9.69 -27.92 -1.33
C22 1PE D . 9.95 -29.40 -1.46
OH3 1PE D . 8.74 -30.09 -1.79
C13 1PE D . 7.70 -32.06 -2.69
C23 1PE D . 8.94 -31.48 -2.05
OH4 1PE D . 6.68 -32.25 -1.72
C14 1PE D . 4.29 -32.38 -1.34
C24 1PE D . 5.44 -32.66 -2.29
OH5 1PE D . 4.21 -30.97 -1.11
C15 1PE D . 2.68 -29.97 0.43
C25 1PE D . 2.88 -30.47 -0.96
OH6 1PE D . 3.41 -28.77 0.61
C16 1PE D . 5.05 -27.77 2.03
C26 1PE D . 3.77 -28.52 1.98
OH7 1PE D . 5.86 -28.11 3.14
C1 PEG E . -20.37 3.92 2.01
O1 PEG E . -21.33 3.11 1.37
C2 PEG E . -19.22 4.31 1.14
O2 PEG E . -19.72 4.68 -0.14
C3 PEG E . -19.11 3.94 -1.20
C4 PEG E . -19.72 2.58 -1.31
O4 PEG E . -18.81 1.62 -1.76
#